data_6KWZ
#
_entry.id   6KWZ
#
_cell.length_a   46.648
_cell.length_b   55.076
_cell.length_c   69.890
_cell.angle_alpha   90.000
_cell.angle_beta   90.000
_cell.angle_gamma   90.000
#
_symmetry.space_group_name_H-M   'P 21 21 21'
#
loop_
_entity.id
_entity.type
_entity.pdbx_description
1 polymer 'Actin-binding protein fragmin P'
2 non-polymer 'CALCIUM ION'
3 water water
#
_entity_poly.entity_id   1
_entity_poly.type   'polypeptide(L)'
_entity_poly.pdbx_seq_one_letter_code
;GPPAVLLRLSDASGKFEFTEVARGLKVKRNLLDSNDVFVLYTGAEVFAWVGKHASVGEKKKALSFAQEYVQKAGLPIHTP
VARILEGGENEVFEDFFD
;
_entity_poly.pdbx_strand_id   A,B
#
loop_
_chem_comp.id
_chem_comp.type
_chem_comp.name
_chem_comp.formula
CA non-polymer 'CALCIUM ION' 'Ca 2'
#
# COMPACT_ATOMS: atom_id res chain seq x y z
N GLY A 1 9.59 -12.78 14.26
CA GLY A 1 9.74 -14.19 14.55
C GLY A 1 10.81 -14.88 13.73
N PRO A 2 11.00 -16.17 13.94
CA PRO A 2 12.07 -16.92 13.26
C PRO A 2 12.00 -16.83 11.73
N PRO A 3 10.83 -16.79 11.10
CA PRO A 3 10.83 -16.72 9.63
C PRO A 3 11.14 -15.35 9.05
N ALA A 4 11.26 -14.30 9.86
CA ALA A 4 11.44 -12.95 9.34
C ALA A 4 12.81 -12.77 8.68
N VAL A 5 12.85 -11.91 7.66
CA VAL A 5 14.09 -11.53 6.98
C VAL A 5 14.03 -10.03 6.67
N LEU A 6 15.13 -9.33 6.93
CA LEU A 6 15.28 -7.92 6.60
C LEU A 6 16.43 -7.73 5.63
N LEU A 7 16.18 -6.99 4.54
CA LEU A 7 17.18 -6.73 3.53
C LEU A 7 17.30 -5.22 3.31
N ARG A 8 18.49 -4.78 2.93
CA ARG A 8 18.77 -3.39 2.63
CA ARG A 8 18.75 -3.39 2.63
C ARG A 8 18.95 -3.23 1.13
N LEU A 9 18.31 -2.23 0.56
CA LEU A 9 18.52 -1.83 -0.82
C LEU A 9 19.22 -0.48 -0.81
N SER A 10 20.44 -0.42 -1.33
CA SER A 10 21.19 0.83 -1.38
C SER A 10 21.93 0.95 -2.70
N ASP A 11 21.87 2.13 -3.31
CA ASP A 11 22.76 2.47 -4.42
C ASP A 11 23.77 3.53 -4.01
N ALA A 12 24.07 3.63 -2.71
CA ALA A 12 25.03 4.62 -2.24
C ALA A 12 26.42 4.38 -2.81
N SER A 13 26.72 3.14 -3.20
CA SER A 13 28.02 2.82 -3.79
C SER A 13 28.14 3.29 -5.23
N GLY A 14 27.03 3.66 -5.87
CA GLY A 14 26.99 3.90 -7.29
C GLY A 14 26.24 2.82 -8.06
N LYS A 15 26.01 1.67 -7.44
CA LYS A 15 25.22 0.59 -8.03
C LYS A 15 24.32 0.03 -6.95
N PHE A 16 23.25 -0.63 -7.37
CA PHE A 16 22.34 -1.22 -6.39
C PHE A 16 23.00 -2.40 -5.70
N GLU A 17 22.89 -2.43 -4.37
CA GLU A 17 23.20 -3.60 -3.57
C GLU A 17 21.96 -3.95 -2.76
N PHE A 18 21.54 -5.21 -2.86
CA PHE A 18 20.37 -5.73 -2.16
C PHE A 18 20.89 -6.87 -1.28
N THR A 19 21.04 -6.60 0.02
CA THR A 19 21.76 -7.48 0.93
CA THR A 19 21.73 -7.53 0.90
C THR A 19 20.90 -7.80 2.15
N GLU A 20 20.91 -9.07 2.57
CA GLU A 20 20.26 -9.42 3.82
C GLU A 20 21.04 -8.85 4.98
N VAL A 21 20.35 -8.21 5.91
CA VAL A 21 21.00 -7.62 7.07
C VAL A 21 20.63 -8.34 8.36
N ALA A 22 19.50 -9.03 8.43
CA ALA A 22 19.11 -9.76 9.62
C ALA A 22 18.03 -10.77 9.27
N ARG A 23 17.90 -11.78 10.13
CA ARG A 23 16.80 -12.71 10.00
C ARG A 23 16.41 -13.23 11.38
N GLY A 24 15.20 -13.77 11.46
CA GLY A 24 14.69 -14.28 12.72
C GLY A 24 14.58 -13.19 13.76
N LEU A 25 14.97 -13.54 14.99
CA LEU A 25 14.86 -12.61 16.11
C LEU A 25 15.81 -11.44 16.01
N LYS A 26 16.73 -11.49 15.06
CA LYS A 26 17.67 -10.42 14.86
C LYS A 26 17.04 -9.25 14.07
N VAL A 27 15.84 -9.43 13.51
CA VAL A 27 15.21 -8.34 12.78
C VAL A 27 14.70 -7.34 13.81
N LYS A 28 15.41 -6.21 13.93
CA LYS A 28 15.10 -5.17 14.89
C LYS A 28 14.89 -3.84 14.18
N ARG A 29 13.98 -3.05 14.74
CA ARG A 29 13.66 -1.73 14.19
C ARG A 29 14.90 -0.85 14.07
N ASN A 30 15.86 -1.01 14.98
CA ASN A 30 17.03 -0.14 15.00
C ASN A 30 18.03 -0.43 13.90
N LEU A 31 17.75 -1.41 13.03
CA LEU A 31 18.54 -1.64 11.83
C LEU A 31 18.06 -0.80 10.65
N LEU A 32 16.88 -0.21 10.74
CA LEU A 32 16.37 0.62 9.65
C LEU A 32 17.18 1.91 9.56
N ASP A 33 17.39 2.36 8.32
CA ASP A 33 18.26 3.49 8.03
C ASP A 33 17.50 4.41 7.09
N SER A 34 17.25 5.65 7.55
CA SER A 34 16.50 6.62 6.76
CA SER A 34 16.51 6.62 6.77
C SER A 34 17.12 6.88 5.40
N ASN A 35 18.40 6.59 5.22
CA ASN A 35 19.08 6.86 3.95
C ASN A 35 18.80 5.83 2.86
N ASP A 36 18.20 4.69 3.19
CA ASP A 36 18.07 3.60 2.22
C ASP A 36 16.64 3.08 2.20
N VAL A 37 16.42 2.06 1.36
CA VAL A 37 15.17 1.30 1.34
C VAL A 37 15.42 -0.03 2.05
N PHE A 38 14.41 -0.53 2.75
CA PHE A 38 14.52 -1.84 3.38
C PHE A 38 13.33 -2.71 2.98
N VAL A 39 13.59 -3.99 2.76
CA VAL A 39 12.57 -4.99 2.47
C VAL A 39 12.44 -5.88 3.70
N LEU A 40 11.25 -5.92 4.29
CA LEU A 40 10.97 -6.72 5.47
C LEU A 40 9.96 -7.80 5.12
N TYR A 41 10.36 -9.06 5.25
CA TYR A 41 9.44 -10.18 5.15
C TYR A 41 9.10 -10.63 6.56
N THR A 42 7.81 -10.57 6.91
CA THR A 42 7.38 -10.82 8.28
C THR A 42 6.99 -12.26 8.55
N GLY A 43 6.84 -13.08 7.50
CA GLY A 43 6.19 -14.36 7.59
C GLY A 43 4.76 -14.34 7.12
N ALA A 44 4.16 -13.16 6.98
CA ALA A 44 2.84 -13.01 6.39
C ALA A 44 2.76 -11.98 5.28
N GLU A 45 3.73 -11.08 5.15
CA GLU A 45 3.71 -10.08 4.10
C GLU A 45 5.13 -9.59 3.87
N VAL A 46 5.30 -8.84 2.77
CA VAL A 46 6.57 -8.22 2.44
C VAL A 46 6.34 -6.71 2.37
N PHE A 47 7.15 -5.97 3.12
CA PHE A 47 7.10 -4.51 3.12
C PHE A 47 8.33 -3.96 2.41
N ALA A 48 8.12 -3.02 1.51
CA ALA A 48 9.20 -2.18 0.98
C ALA A 48 9.13 -0.86 1.74
N TRP A 49 10.02 -0.70 2.71
CA TRP A 49 10.06 0.49 3.57
C TRP A 49 11.01 1.52 2.96
N VAL A 50 10.48 2.72 2.70
CA VAL A 50 11.20 3.76 1.98
C VAL A 50 11.66 4.82 2.97
N GLY A 51 12.95 4.84 3.26
CA GLY A 51 13.48 5.85 4.16
C GLY A 51 13.28 7.25 3.62
N LYS A 52 13.16 8.20 4.55
CA LYS A 52 12.91 9.60 4.17
C LYS A 52 13.99 10.16 3.26
N HIS A 53 15.23 9.68 3.41
CA HIS A 53 16.34 10.18 2.62
C HIS A 53 16.84 9.18 1.61
N ALA A 54 16.01 8.20 1.23
CA ALA A 54 16.37 7.29 0.16
C ALA A 54 16.52 8.04 -1.15
N SER A 55 17.34 7.49 -2.03
CA SER A 55 17.66 8.12 -3.31
C SER A 55 16.52 7.93 -4.31
N VAL A 56 16.60 8.68 -5.42
CA VAL A 56 15.57 8.59 -6.44
C VAL A 56 15.50 7.18 -7.01
N GLY A 57 16.64 6.51 -7.15
CA GLY A 57 16.68 5.16 -7.68
C GLY A 57 16.18 4.13 -6.68
N GLU A 58 16.61 4.27 -5.42
CA GLU A 58 16.09 3.40 -4.37
C GLU A 58 14.58 3.50 -4.27
N LYS A 59 14.04 4.72 -4.31
CA LYS A 59 12.59 4.88 -4.20
C LYS A 59 11.88 4.27 -5.41
N LYS A 60 12.37 4.54 -6.62
CA LYS A 60 11.70 4.02 -7.80
C LYS A 60 11.76 2.50 -7.86
N LYS A 61 12.86 1.89 -7.42
CA LYS A 61 13.04 0.45 -7.55
C LYS A 61 12.67 -0.33 -6.29
N ALA A 62 12.15 0.33 -5.26
CA ALA A 62 11.88 -0.36 -4.00
C ALA A 62 10.96 -1.56 -4.20
N LEU A 63 9.84 -1.36 -4.90
CA LEU A 63 8.88 -2.45 -5.07
C LEU A 63 9.44 -3.56 -5.95
N SER A 64 10.24 -3.21 -6.97
CA SER A 64 10.74 -4.25 -7.85
C SER A 64 11.76 -5.14 -7.13
N PHE A 65 12.48 -4.59 -6.15
CA PHE A 65 13.38 -5.42 -5.37
C PHE A 65 12.63 -6.24 -4.32
N ALA A 66 11.55 -5.70 -3.76
CA ALA A 66 10.71 -6.51 -2.87
C ALA A 66 10.10 -7.67 -3.64
N GLN A 67 9.68 -7.42 -4.88
CA GLN A 67 9.18 -8.50 -5.73
C GLN A 67 10.28 -9.52 -6.03
N GLU A 68 11.51 -9.04 -6.26
CA GLU A 68 12.62 -9.96 -6.50
CA GLU A 68 12.61 -9.96 -6.51
C GLU A 68 12.87 -10.86 -5.30
N TYR A 69 12.71 -10.32 -4.09
CA TYR A 69 12.85 -11.17 -2.91
C TYR A 69 11.74 -12.22 -2.87
N VAL A 70 10.50 -11.81 -3.14
CA VAL A 70 9.39 -12.76 -3.12
C VAL A 70 9.67 -13.92 -4.05
N GLN A 71 10.19 -13.62 -5.25
CA GLN A 71 10.41 -14.67 -6.23
C GLN A 71 11.59 -15.56 -5.85
N LYS A 72 12.72 -14.97 -5.48
CA LYS A 72 13.89 -15.79 -5.18
C LYS A 72 13.73 -16.57 -3.88
N ALA A 73 12.92 -16.07 -2.94
CA ALA A 73 12.68 -16.80 -1.71
C ALA A 73 11.65 -17.90 -1.84
N GLY A 74 10.92 -17.95 -2.96
CA GLY A 74 9.90 -18.96 -3.13
C GLY A 74 8.63 -18.71 -2.34
N LEU A 75 8.32 -17.46 -2.07
CA LEU A 75 7.09 -17.13 -1.37
C LEU A 75 5.89 -17.33 -2.28
N PRO A 76 4.72 -17.67 -1.73
CA PRO A 76 3.56 -18.00 -2.57
C PRO A 76 3.00 -16.75 -3.24
N ILE A 77 2.20 -16.97 -4.29
CA ILE A 77 1.92 -15.86 -5.20
C ILE A 77 0.94 -14.84 -4.61
N HIS A 78 0.19 -15.19 -3.57
CA HIS A 78 -0.72 -14.24 -2.94
C HIS A 78 -0.08 -13.50 -1.76
N THR A 79 1.25 -13.61 -1.59
CA THR A 79 1.92 -12.88 -0.51
C THR A 79 1.69 -11.40 -0.70
N PRO A 80 1.14 -10.70 0.30
CA PRO A 80 0.98 -9.25 0.16
C PRO A 80 2.34 -8.56 0.08
N VAL A 81 2.44 -7.61 -0.84
CA VAL A 81 3.62 -6.76 -0.96
C VAL A 81 3.14 -5.32 -0.88
N ALA A 82 3.70 -4.56 0.06
CA ALA A 82 3.25 -3.21 0.34
C ALA A 82 4.43 -2.26 0.40
N ARG A 83 4.34 -1.16 -0.33
CA ARG A 83 5.32 -0.09 -0.27
C ARG A 83 4.85 0.94 0.75
N ILE A 84 5.67 1.22 1.75
CA ILE A 84 5.33 2.15 2.81
C ILE A 84 6.45 3.17 2.97
N LEU A 85 6.10 4.33 3.52
CA LEU A 85 7.04 5.42 3.72
C LEU A 85 7.45 5.51 5.18
N GLU A 86 8.73 5.81 5.41
CA GLU A 86 9.19 6.04 6.77
C GLU A 86 8.34 7.10 7.45
N GLY A 87 7.98 6.85 8.70
CA GLY A 87 7.18 7.77 9.45
C GLY A 87 5.69 7.60 9.29
N GLY A 88 5.23 6.90 8.26
CA GLY A 88 3.81 6.66 8.10
C GLY A 88 3.24 5.92 9.30
N GLU A 89 1.91 5.97 9.43
CA GLU A 89 1.26 5.22 10.48
C GLU A 89 1.63 3.74 10.38
N ASN A 90 1.49 3.17 9.18
CA ASN A 90 1.99 1.84 8.84
C ASN A 90 1.69 0.83 9.95
N GLU A 91 0.40 0.72 10.28
CA GLU A 91 0.00 -0.01 11.49
C GLU A 91 0.43 -1.47 11.43
N VAL A 92 0.29 -2.10 10.27
CA VAL A 92 0.66 -3.51 10.16
C VAL A 92 2.17 -3.67 10.28
N PHE A 93 2.92 -2.78 9.63
CA PHE A 93 4.38 -2.77 9.76
C PHE A 93 4.80 -2.60 11.21
N GLU A 94 4.24 -1.59 11.87
CA GLU A 94 4.63 -1.33 13.25
C GLU A 94 4.25 -2.48 14.18
N ASP A 95 3.17 -3.19 13.89
CA ASP A 95 2.78 -4.29 14.76
C ASP A 95 3.81 -5.40 14.77
N PHE A 96 4.58 -5.55 13.69
CA PHE A 96 5.61 -6.59 13.65
C PHE A 96 6.62 -6.41 14.76
N PHE A 97 6.95 -5.16 15.09
CA PHE A 97 7.95 -4.84 16.09
C PHE A 97 7.35 -4.68 17.48
N ASP A 98 6.03 -4.67 17.59
CA ASP A 98 5.35 -4.53 18.87
C ASP A 98 5.58 -5.76 19.74
N GLY B 1 -15.74 -5.18 7.63
CA GLY B 1 -15.52 -6.59 7.87
C GLY B 1 -14.63 -7.27 6.85
N PRO B 2 -14.57 -8.60 6.90
CA PRO B 2 -13.69 -9.36 6.01
C PRO B 2 -13.89 -9.05 4.53
N PRO B 3 -15.13 -8.90 4.04
CA PRO B 3 -15.30 -8.71 2.58
C PRO B 3 -14.89 -7.33 2.07
N ALA B 4 -14.55 -6.38 2.94
CA ALA B 4 -14.25 -5.02 2.49
C ALA B 4 -12.97 -4.99 1.66
N VAL B 5 -12.94 -4.07 0.68
CA VAL B 5 -11.76 -3.84 -0.15
C VAL B 5 -11.56 -2.35 -0.31
N LEU B 6 -10.32 -1.90 -0.19
CA LEU B 6 -9.94 -0.52 -0.41
C LEU B 6 -8.90 -0.45 -1.52
N LEU B 7 -9.17 0.36 -2.54
CA LEU B 7 -8.27 0.54 -3.68
C LEU B 7 -7.89 2.02 -3.80
N ARG B 8 -6.67 2.26 -4.26
CA ARG B 8 -6.15 3.61 -4.45
C ARG B 8 -6.09 3.92 -5.94
N LEU B 9 -6.58 5.09 -6.32
CA LEU B 9 -6.41 5.65 -7.66
C LEU B 9 -5.49 6.85 -7.55
N SER B 10 -4.31 6.74 -8.15
CA SER B 10 -3.32 7.81 -8.12
C SER B 10 -2.62 7.94 -9.47
N ASP B 11 -2.39 9.19 -9.88
CA ASP B 11 -1.52 9.47 -11.02
C ASP B 11 -0.20 10.11 -10.59
N ALA B 12 0.17 9.95 -9.31
CA ALA B 12 1.42 10.52 -8.82
C ALA B 12 2.64 9.93 -9.51
N SER B 13 2.53 8.70 -10.01
CA SER B 13 3.65 8.05 -10.68
C SER B 13 3.94 8.63 -12.06
N GLY B 14 3.07 9.48 -12.58
CA GLY B 14 3.14 9.92 -13.97
C GLY B 14 2.07 9.31 -14.85
N LYS B 15 1.36 8.30 -14.35
CA LYS B 15 0.23 7.71 -15.06
CA LYS B 15 0.25 7.69 -15.06
C LYS B 15 -0.72 7.13 -14.04
N PHE B 16 -1.95 6.87 -14.46
CA PHE B 16 -2.96 6.38 -13.54
C PHE B 16 -2.68 4.95 -13.11
N GLU B 17 -2.64 4.73 -11.81
CA GLU B 17 -2.56 3.40 -11.24
CA GLU B 17 -2.55 3.41 -11.22
C GLU B 17 -3.76 3.20 -10.32
N PHE B 18 -4.42 2.06 -10.46
CA PHE B 18 -5.57 1.70 -9.63
C PHE B 18 -5.29 0.34 -9.04
N THR B 19 -5.09 0.28 -7.72
CA THR B 19 -4.64 -0.94 -7.10
C THR B 19 -5.19 -1.09 -5.69
N GLU B 20 -5.44 -2.34 -5.29
CA GLU B 20 -5.90 -2.63 -3.94
C GLU B 20 -4.79 -2.32 -2.94
N VAL B 21 -5.16 -1.61 -1.87
CA VAL B 21 -4.19 -1.27 -0.83
C VAL B 21 -4.55 -1.91 0.51
N ALA B 22 -5.80 -2.32 0.74
CA ALA B 22 -6.18 -2.92 2.00
C ALA B 22 -7.43 -3.74 1.79
N ARG B 23 -7.64 -4.73 2.66
CA ARG B 23 -8.84 -5.53 2.59
C ARG B 23 -9.21 -6.00 3.98
N GLY B 24 -10.47 -6.41 4.13
CA GLY B 24 -10.93 -6.92 5.42
C GLY B 24 -10.78 -5.91 6.53
N LEU B 25 -10.38 -6.39 7.70
CA LEU B 25 -10.29 -5.56 8.88
C LEU B 25 -9.16 -4.53 8.80
N LYS B 26 -8.31 -4.59 7.79
CA LYS B 26 -7.27 -3.60 7.62
CA LYS B 26 -7.27 -3.59 7.61
C LYS B 26 -7.78 -2.33 6.94
N VAL B 27 -9.00 -2.33 6.41
CA VAL B 27 -9.56 -1.13 5.80
C VAL B 27 -9.89 -0.14 6.91
N LYS B 28 -9.07 0.90 7.04
CA LYS B 28 -9.17 1.84 8.14
C LYS B 28 -9.11 3.26 7.62
N ARG B 29 -9.65 4.16 8.42
CA ARG B 29 -9.88 5.53 7.99
C ARG B 29 -8.56 6.28 7.77
N ASN B 30 -7.51 5.92 8.50
CA ASN B 30 -6.23 6.59 8.33
C ASN B 30 -5.52 6.19 7.03
N LEU B 31 -6.13 5.33 6.22
CA LEU B 31 -5.65 5.05 4.88
C LEU B 31 -6.20 6.00 3.83
N LEU B 32 -7.14 6.87 4.20
CA LEU B 32 -7.76 7.78 3.23
C LEU B 32 -6.86 8.99 3.07
N ASP B 33 -5.89 8.87 2.16
CA ASP B 33 -4.90 9.91 1.90
C ASP B 33 -5.53 11.03 1.10
N SER B 34 -5.54 12.24 1.67
CA SER B 34 -6.10 13.42 1.02
C SER B 34 -5.51 13.67 -0.35
N ASN B 35 -4.31 13.17 -0.62
CA ASN B 35 -3.64 13.44 -1.90
C ASN B 35 -4.17 12.58 -3.04
N ASP B 36 -4.96 11.54 -2.77
CA ASP B 36 -5.41 10.67 -3.84
C ASP B 36 -6.91 10.38 -3.78
N VAL B 37 -7.37 9.48 -4.64
CA VAL B 37 -8.73 8.98 -4.63
C VAL B 37 -8.70 7.55 -4.12
N PHE B 38 -9.72 7.16 -3.36
CA PHE B 38 -9.84 5.79 -2.88
C PHE B 38 -11.21 5.25 -3.21
N VAL B 39 -11.26 3.99 -3.63
CA VAL B 39 -12.51 3.28 -3.89
C VAL B 39 -12.70 2.26 -2.78
N LEU B 40 -13.81 2.37 -2.06
CA LEU B 40 -14.11 1.46 -0.96
C LEU B 40 -15.28 0.58 -1.35
N TYR B 41 -15.07 -0.74 -1.32
CA TYR B 41 -16.15 -1.70 -1.37
C TYR B 41 -16.39 -2.19 0.06
N THR B 42 -17.61 -1.99 0.56
CA THR B 42 -17.94 -2.30 1.95
C THR B 42 -18.39 -3.73 2.16
N GLY B 43 -18.66 -4.47 1.09
CA GLY B 43 -19.44 -5.69 1.17
C GLY B 43 -20.87 -5.53 0.70
N ALA B 44 -21.34 -4.30 0.56
CA ALA B 44 -22.67 -4.06 -0.01
C ALA B 44 -22.72 -2.86 -0.95
N GLU B 45 -21.77 -1.94 -0.90
CA GLU B 45 -21.83 -0.76 -1.74
C GLU B 45 -20.41 -0.31 -2.05
N VAL B 46 -20.28 0.57 -3.05
CA VAL B 46 -18.99 1.09 -3.47
C VAL B 46 -18.98 2.60 -3.34
N PHE B 47 -17.92 3.14 -2.80
CA PHE B 47 -17.72 4.59 -2.70
C PHE B 47 -16.47 4.99 -3.46
N ALA B 48 -16.57 6.06 -4.21
CA ALA B 48 -15.40 6.76 -4.75
C ALA B 48 -15.14 7.95 -3.85
N TRP B 49 -14.15 7.81 -2.98
CA TRP B 49 -13.80 8.84 -2.00
C TRP B 49 -12.76 9.75 -2.61
N VAL B 50 -13.04 11.05 -2.64
CA VAL B 50 -12.22 12.00 -3.38
C VAL B 50 -11.46 12.86 -2.39
N GLY B 51 -10.14 12.65 -2.30
CA GLY B 51 -9.34 13.47 -1.43
C GLY B 51 -9.32 14.91 -1.91
N LYS B 52 -9.37 15.84 -0.96
CA LYS B 52 -9.40 17.27 -1.30
C LYS B 52 -8.19 17.67 -2.13
N HIS B 53 -7.05 17.01 -1.90
CA HIS B 53 -5.82 17.34 -2.60
C HIS B 53 -5.49 16.38 -3.73
N ALA B 54 -6.50 15.63 -4.20
CA ALA B 54 -6.31 14.80 -5.38
C ALA B 54 -6.13 15.68 -6.62
N SER B 55 -5.51 15.10 -7.64
CA SER B 55 -5.20 15.84 -8.86
C SER B 55 -6.47 16.05 -9.69
N VAL B 56 -6.36 16.93 -10.68
CA VAL B 56 -7.49 17.17 -11.58
C VAL B 56 -7.93 15.87 -12.23
N GLY B 57 -6.98 15.04 -12.66
CA GLY B 57 -7.32 13.79 -13.31
C GLY B 57 -7.91 12.77 -12.36
N GLU B 58 -7.35 12.69 -11.15
CA GLU B 58 -7.89 11.76 -10.16
C GLU B 58 -9.34 12.10 -9.82
N LYS B 59 -9.63 13.38 -9.61
CA LYS B 59 -11.00 13.78 -9.31
C LYS B 59 -11.94 13.51 -10.48
N LYS B 60 -11.48 13.75 -11.72
CA LYS B 60 -12.39 13.53 -12.84
C LYS B 60 -12.71 12.05 -13.04
N LYS B 61 -11.71 11.18 -12.87
CA LYS B 61 -11.89 9.77 -13.20
C LYS B 61 -12.34 8.92 -12.02
N ALA B 62 -12.49 9.51 -10.84
CA ALA B 62 -12.77 8.74 -9.62
C ALA B 62 -14.00 7.85 -9.79
N LEU B 63 -15.12 8.42 -10.23
CA LEU B 63 -16.36 7.66 -10.30
C LEU B 63 -16.27 6.57 -11.36
N SER B 64 -15.62 6.85 -12.49
CA SER B 64 -15.49 5.84 -13.53
C SER B 64 -14.70 4.63 -13.06
N PHE B 65 -13.66 4.86 -12.23
CA PHE B 65 -12.91 3.73 -11.70
C PHE B 65 -13.71 2.93 -10.68
N ALA B 66 -14.56 3.60 -9.91
CA ALA B 66 -15.41 2.86 -8.98
C ALA B 66 -16.44 2.01 -9.71
N GLN B 67 -17.00 2.54 -10.80
CA GLN B 67 -17.97 1.78 -11.58
C GLN B 67 -17.30 0.59 -12.26
N GLU B 68 -16.11 0.81 -12.83
CA GLU B 68 -15.34 -0.27 -13.44
C GLU B 68 -14.98 -1.34 -12.41
N TYR B 69 -14.78 -0.96 -11.14
CA TYR B 69 -14.51 -1.98 -10.12
C TYR B 69 -15.70 -2.92 -9.95
N VAL B 70 -16.93 -2.37 -9.99
CA VAL B 70 -18.11 -3.22 -9.90
C VAL B 70 -18.09 -4.27 -11.01
N GLN B 71 -17.78 -3.85 -12.23
CA GLN B 71 -17.72 -4.78 -13.36
C GLN B 71 -16.65 -5.84 -13.14
N LYS B 72 -15.42 -5.40 -12.86
CA LYS B 72 -14.30 -6.33 -12.79
C LYS B 72 -14.38 -7.25 -11.59
N ALA B 73 -15.04 -6.82 -10.52
CA ALA B 73 -15.19 -7.68 -9.34
C ALA B 73 -16.36 -8.65 -9.46
N GLY B 74 -17.17 -8.57 -10.52
CA GLY B 74 -18.31 -9.44 -10.64
C GLY B 74 -19.43 -9.14 -9.65
N LEU B 75 -19.57 -7.89 -9.24
CA LEU B 75 -20.63 -7.48 -8.33
C LEU B 75 -21.91 -7.25 -9.11
N PRO B 76 -23.06 -7.28 -8.42
CA PRO B 76 -24.33 -7.02 -9.10
C PRO B 76 -24.34 -5.66 -9.79
N ILE B 77 -24.99 -5.61 -10.95
CA ILE B 77 -24.95 -4.40 -11.77
C ILE B 77 -25.59 -3.22 -11.07
N HIS B 78 -26.47 -3.46 -10.11
CA HIS B 78 -27.13 -2.39 -9.36
C HIS B 78 -26.45 -2.08 -8.05
N THR B 79 -25.26 -2.64 -7.80
CA THR B 79 -24.50 -2.29 -6.60
C THR B 79 -24.41 -0.77 -6.48
N PRO B 80 -24.78 -0.19 -5.34
CA PRO B 80 -24.71 1.27 -5.21
C PRO B 80 -23.29 1.77 -5.36
N VAL B 81 -23.12 2.79 -6.19
CA VAL B 81 -21.84 3.47 -6.38
C VAL B 81 -22.08 4.95 -6.11
N ALA B 82 -21.32 5.52 -5.17
CA ALA B 82 -21.50 6.91 -4.79
C ALA B 82 -20.15 7.61 -4.74
N ARG B 83 -20.08 8.80 -5.35
CA ARG B 83 -18.92 9.68 -5.23
C ARG B 83 -19.09 10.57 -4.01
N ILE B 84 -18.09 10.57 -3.12
CA ILE B 84 -18.15 11.37 -1.90
C ILE B 84 -16.85 12.14 -1.70
N LEU B 85 -16.96 13.33 -1.12
CA LEU B 85 -15.82 14.19 -0.91
C LEU B 85 -15.22 13.99 0.48
N GLU B 86 -13.90 14.18 0.56
CA GLU B 86 -13.23 14.20 1.86
C GLU B 86 -13.93 15.17 2.80
N GLY B 87 -14.13 14.74 4.04
CA GLY B 87 -14.78 15.55 5.03
C GLY B 87 -16.28 15.68 4.88
N GLY B 88 -16.84 15.01 3.90
CA GLY B 88 -18.26 15.05 3.69
C GLY B 88 -19.05 14.19 4.65
N GLU B 89 -20.34 14.34 4.64
CA GLU B 89 -21.19 13.60 5.51
C GLU B 89 -21.83 12.51 4.69
N ASN B 90 -21.57 11.25 4.96
CA ASN B 90 -22.28 10.17 4.31
C ASN B 90 -22.53 9.14 5.36
N GLU B 91 -23.78 8.91 5.70
CA GLU B 91 -24.12 7.97 6.75
C GLU B 91 -23.58 6.54 6.60
N VAL B 92 -23.76 5.95 5.44
CA VAL B 92 -23.30 4.62 5.17
C VAL B 92 -21.79 4.55 5.18
N PHE B 93 -21.12 5.52 4.56
CA PHE B 93 -19.67 5.53 4.57
C PHE B 93 -19.13 5.67 5.99
N GLU B 94 -19.68 6.60 6.76
CA GLU B 94 -19.24 6.80 8.13
C GLU B 94 -19.52 5.58 8.99
N ASP B 95 -20.67 4.92 8.78
CA ASP B 95 -21.01 3.77 9.61
C ASP B 95 -20.05 2.61 9.39
N PHE B 96 -19.56 2.45 8.15
CA PHE B 96 -18.59 1.38 7.89
C PHE B 96 -17.36 1.53 8.79
N PHE B 97 -16.95 2.78 9.06
CA PHE B 97 -15.81 3.06 9.92
C PHE B 97 -16.22 3.29 11.37
N ASP B 98 -17.30 2.64 11.82
CA ASP B 98 -17.86 2.85 13.15
C ASP B 98 -18.29 4.29 13.36
CA CA C . 20.55 5.56 -0.06
CA CA D . -2.73 12.37 -6.19
#